data_7G1E
#
_entry.id   7G1E
#
_cell.length_a   32.433
_cell.length_b   53.834
_cell.length_c   75.186
_cell.angle_alpha   90.000
_cell.angle_beta   90.000
_cell.angle_gamma   90.000
#
_symmetry.space_group_name_H-M   'P 21 21 21'
#
loop_
_entity.id
_entity.type
_entity.pdbx_description
1 polymer 'Fatty acid-binding protein, adipocyte'
2 non-polymer 'SULFATE ION'
3 non-polymer "3-{[([1,1'-biphenyl]-2-yl)oxy]methyl}benzoic acid"
4 water water
#
_entity_poly.entity_id   1
_entity_poly.type   'polypeptide(L)'
_entity_poly.pdbx_seq_one_letter_code
;GSHMCDAFVGTWKLVSSENFDDYMKEVGVGFATRKVAGMAKPNMIISVNGDVITIKSESTFKNTEISFILGQEFDEVTAD
DRKVKSTITLDGGVLVHVQKWDGKSTTIKRKREDDKLVVECVMKGVTSTRVYERA
;
_entity_poly.pdbx_strand_id   A
#
loop_
_chem_comp.id
_chem_comp.type
_chem_comp.name
_chem_comp.formula
SO4 non-polymer 'SULFATE ION' 'O4 S -2'
WNR non-polymer '3-{[([1,1'-biphenyl]-2-yl)oxy]methyl}benzoic acid' 'C20 H16 O3'
#
# COMPACT_ATOMS: atom_id res chain seq x y z
N HIS A 3 19.16 -7.32 4.76
N HIS A 3 18.11 -5.56 5.22
CA HIS A 3 18.15 -7.36 5.85
CA HIS A 3 18.35 -6.00 6.63
C HIS A 3 17.17 -6.21 5.64
C HIS A 3 17.30 -5.31 7.51
N MET A 4 17.06 -5.92 4.39
N MET A 4 17.31 -3.99 7.62
CA MET A 4 16.42 -4.71 4.02
CA MET A 4 16.24 -3.28 8.33
CA MET A 4 16.17 -3.32 8.51
C MET A 4 14.95 -5.02 4.12
C MET A 4 14.85 -3.58 7.76
N CYS A 5 14.31 -4.17 4.87
N CYS A 5 14.78 -3.57 6.42
CA CYS A 5 12.92 -4.37 5.12
CA CYS A 5 13.53 -3.92 5.70
C CYS A 5 12.68 -5.55 6.03
C CYS A 5 12.88 -5.26 6.09
N ASP A 6 13.67 -6.14 6.69
CA ASP A 6 13.25 -7.32 7.51
C ASP A 6 12.00 -7.12 8.38
N ALA A 7 11.84 -5.95 9.17
CA ALA A 7 10.68 -5.64 9.89
C ALA A 7 9.33 -5.64 9.20
N PHE A 8 9.40 -5.58 7.91
CA PHE A 8 8.17 -5.62 7.11
C PHE A 8 7.84 -7.00 6.56
N VAL A 9 8.81 -7.91 6.45
CA VAL A 9 8.58 -9.13 5.77
C VAL A 9 7.62 -10.01 6.59
N GLY A 10 6.70 -10.72 5.91
CA GLY A 10 5.80 -11.63 6.55
C GLY A 10 4.46 -11.55 5.88
N THR A 11 3.52 -12.09 6.63
CA THR A 11 2.13 -12.17 6.22
C THR A 11 1.30 -11.40 7.24
N TRP A 12 0.49 -10.47 6.76
CA TRP A 12 -0.24 -9.55 7.60
C TRP A 12 -1.71 -9.58 7.19
N LYS A 13 -2.59 -9.28 8.12
CA LYS A 13 -4.04 -9.29 7.87
C LYS A 13 -4.63 -7.99 8.39
N LEU A 14 -5.50 -7.40 7.59
CA LEU A 14 -6.13 -6.09 7.96
C LEU A 14 -7.02 -6.31 9.16
N VAL A 15 -6.84 -5.47 10.19
CA VAL A 15 -7.75 -5.48 11.31
C VAL A 15 -8.56 -4.23 11.52
N SER A 16 -8.18 -3.08 11.00
CA SER A 16 -9.03 -1.91 11.10
C SER A 16 -8.67 -0.93 10.02
N SER A 17 -9.66 -0.12 9.64
CA SER A 17 -9.52 0.89 8.62
C SER A 17 -10.32 2.14 9.05
N GLU A 18 -9.81 3.32 8.88
CA GLU A 18 -10.51 4.52 9.15
C GLU A 18 -10.35 5.42 7.95
N ASN A 19 -11.45 6.07 7.60
CA ASN A 19 -11.48 7.13 6.61
CA ASN A 19 -11.54 7.14 6.60
C ASN A 19 -11.23 6.65 5.19
N PHE A 20 -11.34 5.31 4.94
CA PHE A 20 -10.89 4.76 3.70
C PHE A 20 -11.85 5.16 2.59
N ASP A 21 -13.17 5.14 2.88
CA ASP A 21 -14.07 5.54 1.78
C ASP A 21 -13.78 6.96 1.28
N ASP A 22 -13.52 7.88 2.23
CA ASP A 22 -13.15 9.27 1.88
C ASP A 22 -11.83 9.31 1.08
N TYR A 23 -10.83 8.53 1.49
CA TYR A 23 -9.60 8.47 0.72
C TYR A 23 -9.88 8.02 -0.69
N MET A 24 -10.65 6.94 -0.84
CA MET A 24 -10.97 6.41 -2.15
C MET A 24 -11.74 7.45 -2.98
N LYS A 25 -12.67 8.13 -2.37
CA LYS A 25 -13.42 9.15 -3.12
C LYS A 25 -12.45 10.22 -3.60
N GLU A 26 -11.46 10.67 -2.81
CA GLU A 26 -10.50 11.72 -3.20
C GLU A 26 -9.70 11.21 -4.40
N VAL A 27 -9.35 9.90 -4.40
CA VAL A 27 -8.63 9.27 -5.47
C VAL A 27 -9.42 9.25 -6.75
N GLY A 28 -10.70 9.23 -6.69
CA GLY A 28 -11.56 9.15 -7.85
C GLY A 28 -12.32 7.84 -8.01
N VAL A 29 -12.30 6.96 -7.02
CA VAL A 29 -12.96 5.67 -7.07
C VAL A 29 -14.46 5.87 -7.06
N GLY A 30 -15.13 5.18 -7.98
CA GLY A 30 -16.57 5.22 -8.08
C GLY A 30 -17.30 4.44 -6.98
N PHE A 31 -18.58 4.71 -6.88
CA PHE A 31 -19.37 4.32 -5.76
C PHE A 31 -19.28 2.81 -5.55
N ALA A 32 -19.51 2.00 -6.58
CA ALA A 32 -19.66 0.53 -6.45
C ALA A 32 -18.31 -0.01 -6.00
N THR A 33 -17.24 0.40 -6.66
CA THR A 33 -15.91 -0.07 -6.27
C THR A 33 -15.63 0.29 -4.83
N ARG A 34 -15.95 1.53 -4.42
CA ARG A 34 -15.67 1.92 -3.03
C ARG A 34 -16.40 1.01 -2.04
N LYS A 35 -17.64 0.65 -2.32
CA LYS A 35 -18.38 -0.15 -1.39
C LYS A 35 -17.73 -1.55 -1.27
N VAL A 36 -17.47 -2.19 -2.38
CA VAL A 36 -16.89 -3.52 -2.38
C VAL A 36 -15.45 -3.53 -1.89
N ALA A 37 -14.69 -2.54 -2.29
CA ALA A 37 -13.31 -2.47 -1.83
C ALA A 37 -13.21 -2.16 -0.36
N GLY A 38 -14.14 -1.37 0.14
CA GLY A 38 -14.11 -0.94 1.54
C GLY A 38 -14.44 -2.11 2.46
N MET A 39 -15.13 -3.12 1.92
CA MET A 39 -15.48 -4.30 2.71
C MET A 39 -14.30 -5.29 2.83
N ALA A 40 -13.35 -5.24 1.90
CA ALA A 40 -12.28 -6.19 1.81
C ALA A 40 -11.46 -6.20 3.08
N LYS A 41 -10.98 -7.36 3.45
CA LYS A 41 -10.05 -7.55 4.56
C LYS A 41 -8.83 -8.25 4.04
N PRO A 42 -7.90 -7.53 3.36
CA PRO A 42 -6.83 -8.23 2.69
C PRO A 42 -5.81 -8.90 3.60
N ASN A 43 -5.16 -9.87 3.00
CA ASN A 43 -3.90 -10.48 3.48
C ASN A 43 -2.81 -9.82 2.66
N MET A 44 -1.82 -9.23 3.34
CA MET A 44 -0.73 -8.61 2.69
C MET A 44 0.55 -9.42 2.95
N ILE A 45 1.24 -9.78 1.90
CA ILE A 45 2.40 -10.63 1.96
C ILE A 45 3.58 -9.83 1.45
N ILE A 46 4.55 -9.61 2.33
CA ILE A 46 5.74 -8.83 1.94
C ILE A 46 6.94 -9.73 2.00
N SER A 47 7.71 -9.75 0.89
CA SER A 47 8.92 -10.56 0.83
C SER A 47 10.03 -9.77 0.18
N VAL A 48 11.25 -10.23 0.46
CA VAL A 48 12.46 -9.67 -0.04
C VAL A 48 13.34 -10.74 -0.59
N ASN A 49 13.87 -10.51 -1.80
CA ASN A 49 14.80 -11.47 -2.41
C ASN A 49 15.87 -10.63 -3.08
N GLY A 50 17.02 -10.52 -2.41
CA GLY A 50 18.07 -9.63 -2.86
C GLY A 50 17.61 -8.20 -2.80
N ASP A 51 17.66 -7.48 -3.89
CA ASP A 51 17.24 -6.08 -3.95
C ASP A 51 15.76 -5.95 -4.28
N VAL A 52 15.10 -7.07 -4.56
CA VAL A 52 13.71 -6.97 -5.01
C VAL A 52 12.72 -7.22 -3.87
N ILE A 53 11.83 -6.25 -3.68
CA ILE A 53 10.75 -6.33 -2.69
C ILE A 53 9.51 -6.69 -3.47
N THR A 54 8.73 -7.59 -2.89
CA THR A 54 7.40 -7.94 -3.45
C THR A 54 6.34 -7.73 -2.38
N ILE A 55 5.30 -7.00 -2.78
CA ILE A 55 4.13 -6.80 -1.91
C ILE A 55 2.93 -7.42 -2.63
N LYS A 56 2.29 -8.37 -2.03
CA LYS A 56 1.05 -8.95 -2.58
C LYS A 56 -0.09 -8.61 -1.63
N SER A 57 -1.25 -8.31 -2.24
CA SER A 57 -2.47 -8.12 -1.45
C SER A 57 -3.50 -9.06 -2.01
N GLU A 58 -3.99 -9.93 -1.15
CA GLU A 58 -4.97 -10.91 -1.53
C GLU A 58 -6.29 -10.65 -0.80
N SER A 59 -7.38 -10.56 -1.51
CA SER A 59 -8.69 -10.32 -0.85
C SER A 59 -9.77 -10.82 -1.77
N THR A 60 -10.99 -10.77 -1.25
CA THR A 60 -12.12 -11.18 -2.05
C THR A 60 -12.41 -10.14 -3.13
N PHE A 61 -11.90 -8.87 -2.96
CA PHE A 61 -12.03 -7.76 -3.90
C PHE A 61 -11.13 -7.95 -5.11
N LYS A 62 -9.82 -8.01 -4.86
CA LYS A 62 -8.79 -8.16 -5.86
C LYS A 62 -7.59 -8.83 -5.25
N ASN A 63 -6.85 -9.51 -6.09
CA ASN A 63 -5.50 -9.94 -5.78
C ASN A 63 -4.51 -9.12 -6.59
N THR A 64 -3.60 -8.44 -5.94
CA THR A 64 -2.61 -7.57 -6.57
C THR A 64 -1.22 -7.99 -6.13
N GLU A 65 -0.23 -7.71 -6.97
CA GLU A 65 1.16 -7.98 -6.65
C GLU A 65 2.02 -6.90 -7.32
N ILE A 66 2.95 -6.34 -6.55
CA ILE A 66 3.99 -5.48 -7.11
C ILE A 66 5.34 -6.01 -6.68
N SER A 67 6.31 -5.86 -7.58
CA SER A 67 7.71 -6.14 -7.27
C SER A 67 8.52 -4.91 -7.75
N PHE A 68 9.53 -4.50 -6.93
CA PHE A 68 10.22 -3.26 -7.17
C PHE A 68 11.54 -3.25 -6.43
N ILE A 69 12.37 -2.35 -6.92
CA ILE A 69 13.61 -1.98 -6.27
C ILE A 69 13.47 -0.57 -5.72
N LEU A 70 13.92 -0.38 -4.51
CA LEU A 70 13.76 0.94 -3.88
C LEU A 70 14.40 2.01 -4.74
N GLY A 71 13.66 3.08 -4.93
CA GLY A 71 14.09 4.21 -5.68
C GLY A 71 13.88 4.17 -7.15
N GLN A 72 13.42 3.07 -7.68
CA GLN A 72 13.41 2.80 -9.11
C GLN A 72 11.95 2.73 -9.56
N GLU A 73 11.52 3.71 -10.35
CA GLU A 73 10.14 3.81 -10.78
C GLU A 73 9.64 2.59 -11.55
N PHE A 74 8.37 2.31 -11.43
CA PHE A 74 7.73 1.20 -12.11
C PHE A 74 6.30 1.62 -12.45
N ASP A 75 5.76 0.88 -13.41
CA ASP A 75 4.34 1.04 -13.75
CA ASP A 75 4.35 0.89 -13.78
C ASP A 75 3.53 -0.01 -12.91
N GLU A 76 2.41 0.49 -12.38
CA GLU A 76 1.56 -0.25 -11.49
C GLU A 76 0.13 -0.04 -12.01
N VAL A 77 -0.63 -1.17 -12.06
CA VAL A 77 -2.08 -1.02 -12.21
C VAL A 77 -2.68 -1.32 -10.87
N THR A 78 -3.34 -0.36 -10.28
CA THR A 78 -3.86 -0.42 -8.93
C THR A 78 -5.11 -1.31 -8.87
N ALA A 79 -5.56 -1.56 -7.66
CA ALA A 79 -6.73 -2.45 -7.53
C ALA A 79 -7.98 -1.85 -8.15
N ASP A 80 -8.10 -0.53 -8.06
CA ASP A 80 -9.20 0.23 -8.67
C ASP A 80 -8.92 0.59 -10.15
N ASP A 81 -7.89 -0.02 -10.77
CA ASP A 81 -7.64 0.07 -12.21
C ASP A 81 -7.03 1.37 -12.65
N ARG A 82 -6.34 2.15 -11.80
CA ARG A 82 -5.57 3.27 -12.27
C ARG A 82 -4.27 2.70 -12.82
N LYS A 83 -3.77 3.35 -13.87
CA LYS A 83 -2.45 3.11 -14.40
C LYS A 83 -1.54 4.23 -13.90
N VAL A 84 -0.69 3.88 -12.94
CA VAL A 84 0.11 4.86 -12.22
C VAL A 84 1.59 4.55 -12.45
N LYS A 85 2.38 5.60 -12.20
CA LYS A 85 3.82 5.48 -12.10
CA LYS A 85 3.82 5.50 -12.11
C LYS A 85 4.20 5.59 -10.63
N SER A 86 4.83 4.55 -10.13
CA SER A 86 5.06 4.38 -8.70
C SER A 86 6.56 4.36 -8.38
N THR A 87 6.91 5.04 -7.26
CA THR A 87 8.27 4.93 -6.76
C THR A 87 8.15 4.63 -5.28
N ILE A 88 8.92 3.66 -4.78
CA ILE A 88 8.91 3.29 -3.36
C ILE A 88 10.29 3.42 -2.84
N THR A 89 10.41 4.16 -1.73
CA THR A 89 11.67 4.40 -1.05
C THR A 89 11.52 4.09 0.42
N LEU A 90 12.66 3.88 1.07
CA LEU A 90 12.71 3.66 2.50
C LEU A 90 13.36 4.88 3.11
N ASP A 91 12.59 5.61 3.91
CA ASP A 91 12.92 6.87 4.53
C ASP A 91 12.82 6.77 6.06
N GLY A 92 13.95 6.71 6.74
CA GLY A 92 13.86 6.62 8.15
C GLY A 92 13.06 5.44 8.66
N GLY A 93 13.21 4.34 8.01
CA GLY A 93 12.49 3.13 8.38
C GLY A 93 11.02 3.01 7.99
N VAL A 94 10.53 3.96 7.20
CA VAL A 94 9.18 4.00 6.65
C VAL A 94 9.23 3.73 5.15
N LEU A 95 8.44 2.78 4.67
CA LEU A 95 8.32 2.59 3.24
C LEU A 95 7.37 3.62 2.67
N VAL A 96 7.82 4.45 1.79
CA VAL A 96 7.06 5.53 1.21
C VAL A 96 6.80 5.20 -0.25
N HIS A 97 5.52 5.16 -0.64
CA HIS A 97 5.07 4.77 -1.97
C HIS A 97 4.29 5.88 -2.60
N VAL A 98 4.87 6.50 -3.63
CA VAL A 98 4.23 7.59 -4.33
C VAL A 98 3.70 7.05 -5.63
N GLN A 99 2.41 7.36 -5.94
CA GLN A 99 1.76 7.01 -7.18
C GLN A 99 1.36 8.30 -7.91
N LYS A 100 1.76 8.38 -9.20
CA LYS A 100 1.48 9.56 -10.04
C LYS A 100 0.62 9.10 -11.19
N TRP A 101 -0.45 9.85 -11.52
CA TRP A 101 -1.25 9.57 -12.69
C TRP A 101 -2.13 10.78 -12.98
N ASP A 102 -2.31 11.08 -14.28
CA ASP A 102 -3.18 12.19 -14.68
C ASP A 102 -2.92 13.46 -13.92
N GLY A 103 -1.65 13.77 -13.71
CA GLY A 103 -1.31 14.96 -12.97
C GLY A 103 -1.78 14.96 -11.52
N LYS A 104 -2.14 13.80 -10.96
CA LYS A 104 -2.49 13.60 -9.54
C LYS A 104 -1.38 12.82 -8.86
N SER A 105 -1.38 12.86 -7.55
CA SER A 105 -0.41 12.09 -6.76
C SER A 105 -1.11 11.59 -5.49
N THR A 106 -0.73 10.40 -5.04
CA THR A 106 -1.11 9.95 -3.74
C THR A 106 0.11 9.26 -3.11
N THR A 107 0.20 9.30 -1.79
CA THR A 107 1.34 8.72 -1.11
C THR A 107 0.83 7.76 -0.04
N ILE A 108 1.37 6.55 -0.01
CA ILE A 108 1.05 5.51 0.94
C ILE A 108 2.31 5.20 1.74
N LYS A 109 2.20 5.31 3.05
CA LYS A 109 3.33 5.05 3.92
C LYS A 109 3.05 3.81 4.70
N ARG A 110 4.06 2.94 4.89
CA ARG A 110 3.92 1.71 5.66
C ARG A 110 5.00 1.80 6.76
N LYS A 111 4.53 1.63 8.02
CA LYS A 111 5.44 1.69 9.13
C LYS A 111 5.17 0.59 10.12
N ARG A 112 6.18 0.19 10.83
CA ARG A 112 6.06 -0.73 11.94
C ARG A 112 5.86 0.01 13.23
N GLU A 113 4.82 -0.30 13.97
CA GLU A 113 4.51 0.33 15.26
C GLU A 113 4.06 -0.78 16.23
N ASP A 114 4.92 -1.06 17.22
CA ASP A 114 4.65 -2.21 18.08
C ASP A 114 4.64 -3.46 17.21
N ASP A 115 3.65 -4.35 17.39
CA ASP A 115 3.55 -5.56 16.57
C ASP A 115 2.72 -5.35 15.32
N LYS A 116 2.33 -4.10 15.00
CA LYS A 116 1.45 -3.84 13.89
C LYS A 116 2.25 -3.25 12.74
N LEU A 117 1.59 -3.33 11.57
CA LEU A 117 2.08 -2.62 10.39
C LEU A 117 0.96 -1.64 10.08
N VAL A 118 1.29 -0.35 10.13
CA VAL A 118 0.35 0.71 9.93
C VAL A 118 0.53 1.29 8.54
N VAL A 119 -0.56 1.38 7.80
CA VAL A 119 -0.58 1.91 6.45
C VAL A 119 -1.35 3.25 6.46
N GLU A 120 -0.69 4.34 6.05
CA GLU A 120 -1.31 5.65 5.95
C GLU A 120 -1.41 6.04 4.50
N CYS A 121 -2.57 6.29 4.02
CA CYS A 121 -2.87 6.61 2.62
C CYS A 121 -3.31 8.09 2.57
N VAL A 122 -2.63 8.93 1.81
CA VAL A 122 -2.93 10.37 1.78
C VAL A 122 -3.21 10.80 0.36
N MET A 123 -4.32 11.54 0.19
CA MET A 123 -4.59 12.18 -1.10
C MET A 123 -5.13 13.55 -0.75
N LYS A 124 -4.42 14.61 -1.17
CA LYS A 124 -4.91 15.98 -0.87
C LYS A 124 -5.70 16.20 0.45
N GLY A 125 -4.97 16.08 1.48
CA GLY A 125 -5.69 16.57 2.68
C GLY A 125 -6.53 15.49 3.36
N VAL A 126 -6.85 14.43 2.61
CA VAL A 126 -7.50 13.26 3.20
C VAL A 126 -6.53 12.14 3.51
N THR A 127 -6.54 11.67 4.76
CA THR A 127 -5.74 10.61 5.24
C THR A 127 -6.60 9.44 5.70
N SER A 128 -6.22 8.24 5.38
CA SER A 128 -6.79 6.99 5.88
C SER A 128 -5.75 6.15 6.51
N THR A 129 -6.10 5.56 7.64
CA THR A 129 -5.20 4.70 8.35
C THR A 129 -5.76 3.30 8.39
N ARG A 130 -4.92 2.34 7.95
CA ARG A 130 -5.23 0.92 7.86
C ARG A 130 -4.21 0.16 8.71
N VAL A 131 -4.69 -0.61 9.67
CA VAL A 131 -3.82 -1.32 10.57
C VAL A 131 -3.89 -2.81 10.31
N TYR A 132 -2.69 -3.37 10.14
CA TYR A 132 -2.48 -4.78 9.92
C TYR A 132 -1.78 -5.41 11.09
N GLU A 133 -2.14 -6.67 11.40
CA GLU A 133 -1.43 -7.45 12.38
C GLU A 133 -0.90 -8.70 11.70
N ARG A 134 0.01 -9.40 12.39
CA ARG A 134 0.54 -10.64 11.81
C ARG A 134 -0.53 -11.69 11.59
N ALA A 135 -0.48 -12.35 10.45
CA ALA A 135 -1.47 -13.36 10.12
C ALA A 135 -1.18 -14.61 10.97
S SO4 B . 8.33 -7.92 15.57
O1 SO4 B . 8.64 -9.20 16.22
O2 SO4 B . 9.50 -7.05 15.86
O3 SO4 B . 7.02 -7.32 16.11
O4 SO4 B . 8.26 -8.19 14.08
C4 WNR C . -6.78 1.15 -3.08
C5 WNR C . -6.91 2.42 -3.72
C6 WNR C . -8.09 2.68 -4.30
C8 WNR C . -2.86 1.47 -1.14
C10 WNR C . -4.51 0.09 0.26
C13 WNR C . -1.74 0.77 -0.58
C17 WNR C . -5.17 1.89 -1.44
C20 WNR C . -8.80 -2.95 -1.05
C21 WNR C . -7.70 -3.79 -1.21
C22 WNR C . -6.59 -3.37 -1.99
C1 WNR C . -9.18 1.81 -4.29
C2 WNR C . -9.05 0.55 -3.68
C3 WNR C . -7.82 0.18 -3.06
O7 WNR C . -5.64 0.82 -2.41
C9 WNR C . -4.15 1.14 -0.68
C11 WNR C . -3.41 -0.54 0.85
C12 WNR C . -2.06 -0.11 0.39
C14 WNR C . -3.62 -1.61 1.83
O15 WNR C . -4.46 -1.69 2.66
O16 WNR C . -2.52 -2.54 1.71
C18 WNR C . -7.75 -1.19 -2.44
C19 WNR C . -8.81 -1.66 -1.65
C23 WNR C . -6.56 -2.08 -2.60
#